data_9IJX
#
_entry.id   9IJX
#
_cell.length_a   60.150
_cell.length_b   104.360
_cell.length_c   72.270
_cell.angle_alpha   90.00
_cell.angle_beta   90.04
_cell.angle_gamma   90.00
#
_symmetry.space_group_name_H-M   'C 1 2 1'
#
_entity_poly.entity_id   1
_entity_poly.type   'polypeptide(L)'
_entity_poly.pdbx_seq_one_letter_code
;GPGSYNQALQGDPSFVLQIAEKEQELLASQETVQVLQMKVKRLEHLLQLKNVRIDDLSRRLQQAERKQR
;
_entity_poly.pdbx_strand_id   A,B,C,D,E,F
#
# COMPACT_ATOMS: atom_id res chain seq x y z
N GLY A 11 -24.95 1.01 46.29
CA GLY A 11 -24.04 2.17 46.14
C GLY A 11 -22.64 1.74 45.71
N ASP A 12 -21.71 1.64 46.65
CA ASP A 12 -20.31 1.19 46.42
C ASP A 12 -20.28 -0.21 45.84
N PRO A 13 -21.14 -1.17 46.29
CA PRO A 13 -21.28 -2.47 45.62
C PRO A 13 -21.58 -2.43 44.11
N SER A 14 -22.30 -1.41 43.63
CA SER A 14 -22.56 -1.23 42.17
C SER A 14 -21.21 -0.98 41.46
N PHE A 15 -20.33 -0.23 42.12
CA PHE A 15 -19.03 0.24 41.59
C PHE A 15 -18.04 -0.92 41.60
N VAL A 16 -18.03 -1.73 42.66
CA VAL A 16 -17.27 -3.01 42.77
C VAL A 16 -17.61 -3.91 41.57
N LEU A 17 -18.89 -3.96 41.17
CA LEU A 17 -19.41 -4.82 40.09
C LEU A 17 -19.03 -4.24 38.74
N GLN A 18 -19.23 -2.92 38.58
CA GLN A 18 -18.88 -2.15 37.36
C GLN A 18 -17.40 -2.39 37.00
N ILE A 19 -16.50 -2.28 37.97
CA ILE A 19 -15.01 -2.38 37.75
C ILE A 19 -14.66 -3.85 37.48
N ALA A 20 -15.29 -4.79 38.19
CA ALA A 20 -15.18 -6.25 37.97
C ALA A 20 -15.55 -6.60 36.52
N GLU A 21 -16.59 -5.95 35.98
CA GLU A 21 -17.08 -6.16 34.59
C GLU A 21 -16.03 -5.64 33.60
N LYS A 22 -15.55 -4.41 33.81
CA LYS A 22 -14.57 -3.72 32.93
C LYS A 22 -13.24 -4.51 32.92
N GLU A 23 -12.85 -5.06 34.08
CA GLU A 23 -11.59 -5.82 34.23
C GLU A 23 -11.73 -7.17 33.51
N GLN A 24 -12.94 -7.73 33.48
CA GLN A 24 -13.22 -9.05 32.85
C GLN A 24 -13.29 -8.90 31.33
N GLU A 25 -13.79 -7.76 30.84
CA GLU A 25 -13.80 -7.38 29.40
C GLU A 25 -12.36 -7.27 28.89
N LEU A 26 -11.49 -6.64 29.69
CA LEU A 26 -10.05 -6.42 29.35
C LEU A 26 -9.30 -7.76 29.31
N LEU A 27 -9.54 -8.61 30.32
CA LEU A 27 -8.91 -9.95 30.46
C LEU A 27 -9.21 -10.77 29.20
N ALA A 28 -10.49 -10.82 28.79
CA ALA A 28 -10.99 -11.53 27.60
C ALA A 28 -10.27 -11.04 26.34
N SER A 29 -10.06 -9.72 26.21
CA SER A 29 -9.33 -9.08 25.09
C SER A 29 -7.86 -9.51 25.12
N GLN A 30 -7.21 -9.41 26.30
CA GLN A 30 -5.78 -9.73 26.49
C GLN A 30 -5.51 -11.21 26.15
N GLU A 31 -6.49 -12.07 26.38
CA GLU A 31 -6.39 -13.51 26.02
C GLU A 31 -6.68 -13.69 24.54
N THR A 32 -7.62 -12.95 23.95
CA THR A 32 -7.89 -12.93 22.48
C THR A 32 -6.58 -12.57 21.77
N VAL A 33 -5.84 -11.56 22.26
CA VAL A 33 -4.52 -11.18 21.72
C VAL A 33 -3.58 -12.42 21.77
N GLN A 34 -3.52 -13.07 22.92
CA GLN A 34 -2.60 -14.21 23.18
C GLN A 34 -2.87 -15.37 22.20
N VAL A 35 -4.13 -15.61 21.85
CA VAL A 35 -4.55 -16.76 20.99
C VAL A 35 -4.26 -16.40 19.53
N LEU A 36 -4.51 -15.16 19.12
CA LEU A 36 -4.18 -14.67 17.75
C LEU A 36 -2.67 -14.79 17.54
N GLN A 37 -1.86 -14.51 18.56
CA GLN A 37 -0.37 -14.61 18.50
C GLN A 37 0.05 -16.07 18.24
N MET A 38 -0.67 -17.03 18.82
CA MET A 38 -0.42 -18.49 18.65
C MET A 38 -0.94 -18.95 17.27
N LYS A 39 -2.05 -18.40 16.81
CA LYS A 39 -2.63 -18.69 15.46
C LYS A 39 -1.64 -18.25 14.38
N VAL A 40 -1.10 -17.02 14.48
CA VAL A 40 -0.06 -16.48 13.56
C VAL A 40 1.13 -17.46 13.55
N LYS A 41 1.59 -17.90 14.72
CA LYS A 41 2.75 -18.83 14.85
C LYS A 41 2.45 -20.15 14.11
N ARG A 42 1.22 -20.65 14.21
CA ARG A 42 0.81 -21.93 13.55
C ARG A 42 0.74 -21.69 12.03
N LEU A 43 0.16 -20.58 11.60
CA LEU A 43 0.07 -20.19 10.17
C LEU A 43 1.49 -20.10 9.60
N GLU A 44 2.43 -19.51 10.34
CA GLU A 44 3.86 -19.37 9.92
C GLU A 44 4.50 -20.74 9.73
N HIS A 45 4.20 -21.71 10.59
CA HIS A 45 4.72 -23.10 10.49
C HIS A 45 4.17 -23.75 9.22
N LEU A 46 2.85 -23.63 8.98
CA LEU A 46 2.17 -24.11 7.74
C LEU A 46 2.94 -23.59 6.53
N LEU A 47 3.16 -22.27 6.47
CA LEU A 47 3.80 -21.59 5.31
C LEU A 47 5.16 -22.23 5.05
N GLN A 48 5.95 -22.42 6.11
CA GLN A 48 7.30 -23.06 6.02
C GLN A 48 7.13 -24.46 5.46
N LEU A 49 6.15 -25.23 5.94
CA LEU A 49 5.83 -26.59 5.42
C LEU A 49 5.52 -26.51 3.93
N LYS A 50 4.73 -25.51 3.51
CA LYS A 50 4.33 -25.34 2.08
C LYS A 50 5.56 -24.97 1.24
N ASN A 51 6.46 -24.15 1.78
CA ASN A 51 7.69 -23.73 1.07
C ASN A 51 8.59 -24.95 0.82
N VAL A 52 8.64 -25.89 1.77
CA VAL A 52 9.46 -27.14 1.64
C VAL A 52 8.83 -28.04 0.58
N ARG A 53 7.51 -28.21 0.60
CA ARG A 53 6.77 -28.99 -0.44
C ARG A 53 7.06 -28.40 -1.82
N ILE A 54 7.07 -27.06 -1.95
CA ILE A 54 7.34 -26.35 -3.24
C ILE A 54 8.77 -26.67 -3.69
N ASP A 55 9.74 -26.63 -2.78
CA ASP A 55 11.19 -26.88 -3.05
C ASP A 55 11.39 -28.36 -3.41
N ASP A 56 10.71 -29.26 -2.71
CA ASP A 56 10.67 -30.72 -3.02
C ASP A 56 10.18 -30.90 -4.47
N LEU A 57 8.93 -30.52 -4.74
CA LEU A 57 8.26 -30.67 -6.07
C LEU A 57 9.14 -30.04 -7.16
N SER A 58 9.71 -28.86 -6.89
CA SER A 58 10.56 -28.08 -7.84
C SER A 58 11.84 -28.88 -8.18
N ARG A 59 12.54 -29.40 -7.18
CA ARG A 59 13.75 -30.26 -7.34
C ARG A 59 13.39 -31.47 -8.21
N ARG A 60 12.28 -32.14 -7.89
CA ARG A 60 11.83 -33.37 -8.59
C ARG A 60 11.40 -33.04 -10.03
N LEU A 61 11.12 -31.77 -10.33
CA LEU A 61 10.78 -31.29 -11.71
C LEU A 61 12.07 -31.18 -12.53
N GLN A 62 13.22 -30.86 -11.92
CA GLN A 62 14.53 -30.83 -12.63
C GLN A 62 15.01 -32.27 -12.91
N LEU B 17 -11.61 8.40 36.02
CA LEU B 17 -11.91 7.27 36.93
C LEU B 17 -10.96 6.08 36.68
N GLN B 18 -11.00 5.12 37.61
CA GLN B 18 -10.55 3.71 37.45
C GLN B 18 -11.08 3.14 36.13
N ILE B 19 -12.37 3.35 35.83
CA ILE B 19 -13.10 2.83 34.63
C ILE B 19 -12.54 3.46 33.35
N ALA B 20 -12.24 4.75 33.35
CA ALA B 20 -11.60 5.48 32.23
C ALA B 20 -10.26 4.82 31.85
N GLU B 21 -9.49 4.40 32.87
CA GLU B 21 -8.15 3.76 32.70
C GLU B 21 -8.35 2.36 32.09
N LYS B 22 -9.28 1.57 32.66
CA LYS B 22 -9.59 0.19 32.24
C LYS B 22 -10.13 0.18 30.81
N GLU B 23 -10.93 1.19 30.45
CA GLU B 23 -11.54 1.32 29.09
C GLU B 23 -10.45 1.69 28.09
N GLN B 24 -9.42 2.43 28.51
CA GLN B 24 -8.30 2.89 27.63
C GLN B 24 -7.34 1.71 27.37
N GLU B 25 -7.14 0.88 28.40
CA GLU B 25 -6.33 -0.37 28.32
C GLU B 25 -6.99 -1.33 27.32
N LEU B 26 -8.32 -1.47 27.39
CA LEU B 26 -9.15 -2.37 26.55
C LEU B 26 -9.13 -1.88 25.10
N LEU B 27 -9.27 -0.57 24.86
CA LEU B 27 -9.27 0.03 23.51
C LEU B 27 -7.96 -0.32 22.79
N ALA B 28 -6.83 -0.13 23.47
CA ALA B 28 -5.47 -0.43 22.97
C ALA B 28 -5.36 -1.92 22.58
N SER B 29 -5.92 -2.80 23.43
CA SER B 29 -5.97 -4.27 23.21
C SER B 29 -6.86 -4.57 22.00
N GLN B 30 -8.06 -4.00 21.93
CA GLN B 30 -9.06 -4.22 20.86
C GLN B 30 -8.49 -3.79 19.50
N GLU B 31 -7.59 -2.80 19.47
CA GLU B 31 -6.90 -2.39 18.22
C GLU B 31 -5.77 -3.38 17.91
N THR B 32 -5.03 -3.82 18.95
CA THR B 32 -3.99 -4.87 18.80
C THR B 32 -4.64 -6.13 18.19
N VAL B 33 -5.82 -6.51 18.69
CA VAL B 33 -6.64 -7.66 18.18
C VAL B 33 -6.92 -7.41 16.70
N GLN B 34 -7.38 -6.20 16.33
CA GLN B 34 -7.81 -5.85 14.95
C GLN B 34 -6.65 -6.04 13.96
N VAL B 35 -5.40 -5.74 14.37
CA VAL B 35 -4.21 -5.82 13.47
C VAL B 35 -3.78 -7.28 13.33
N LEU B 36 -3.82 -8.04 14.43
CA LEU B 36 -3.50 -9.49 14.44
C LEU B 36 -4.51 -10.21 13.52
N GLN B 37 -5.78 -9.80 13.54
CA GLN B 37 -6.87 -10.39 12.71
C GLN B 37 -6.58 -10.17 11.23
N MET B 38 -6.00 -9.02 10.88
CA MET B 38 -5.62 -8.67 9.48
C MET B 38 -4.34 -9.43 9.08
N LYS B 39 -3.39 -9.62 10.01
CA LYS B 39 -2.16 -10.42 9.77
C LYS B 39 -2.54 -11.87 9.45
N VAL B 40 -3.41 -12.47 10.26
CA VAL B 40 -3.95 -13.85 10.04
C VAL B 40 -4.58 -13.93 8.64
N LYS B 41 -5.40 -12.94 8.27
CA LYS B 41 -6.10 -12.89 6.96
C LYS B 41 -5.06 -12.87 5.83
N ARG B 42 -3.97 -12.11 5.99
CA ARG B 42 -2.91 -12.00 4.96
C ARG B 42 -2.15 -13.34 4.88
N LEU B 43 -1.82 -13.93 6.02
CA LEU B 43 -1.15 -15.26 6.08
C LEU B 43 -2.03 -16.30 5.37
N GLU B 44 -3.34 -16.27 5.57
CA GLU B 44 -4.31 -17.20 4.92
C GLU B 44 -4.30 -17.03 3.39
N HIS B 45 -4.18 -15.79 2.90
CA HIS B 45 -4.08 -15.49 1.45
C HIS B 45 -2.77 -16.07 0.89
N LEU B 46 -1.65 -15.84 1.59
CA LEU B 46 -0.32 -16.42 1.27
C LEU B 46 -0.47 -17.93 1.09
N LEU B 47 -1.06 -18.61 2.05
CA LEU B 47 -1.22 -20.10 2.04
C LEU B 47 -1.94 -20.51 0.75
N GLN B 48 -3.03 -19.83 0.41
CA GLN B 48 -3.80 -20.09 -0.83
C GLN B 48 -2.87 -19.91 -2.05
N LEU B 49 -2.08 -18.83 -2.06
CA LEU B 49 -1.07 -18.57 -3.13
C LEU B 49 -0.06 -19.74 -3.19
N LYS B 50 0.38 -20.24 -2.04
CA LYS B 50 1.36 -21.37 -1.96
C LYS B 50 0.71 -22.65 -2.47
N ASN B 51 -0.58 -22.87 -2.19
CA ASN B 51 -1.32 -24.06 -2.66
C ASN B 51 -1.39 -24.05 -4.20
N VAL B 52 -1.55 -22.87 -4.81
CA VAL B 52 -1.59 -22.73 -6.30
C VAL B 52 -0.20 -23.06 -6.87
N ARG B 53 0.87 -22.52 -6.28
CA ARG B 53 2.28 -22.81 -6.68
C ARG B 53 2.51 -24.33 -6.63
N ILE B 54 2.04 -24.99 -5.57
CA ILE B 54 2.19 -26.46 -5.34
C ILE B 54 1.46 -27.21 -6.47
N ASP B 55 0.24 -26.78 -6.81
CA ASP B 55 -0.61 -27.43 -7.84
C ASP B 55 0.00 -27.20 -9.23
N ASP B 56 0.54 -25.99 -9.48
CA ASP B 56 1.30 -25.67 -10.71
C ASP B 56 2.46 -26.66 -10.84
N LEU B 57 3.41 -26.61 -9.89
CA LEU B 57 4.64 -27.45 -9.88
C LEU B 57 4.27 -28.93 -10.02
N SER B 58 3.23 -29.37 -9.30
CA SER B 58 2.75 -30.78 -9.28
C SER B 58 2.26 -31.20 -10.67
N ARG B 59 1.42 -30.39 -11.31
CA ARG B 59 0.91 -30.62 -12.70
C ARG B 59 2.10 -30.75 -13.65
N ARG B 60 3.05 -29.82 -13.57
CA ARG B 60 4.25 -29.77 -14.47
C ARG B 60 5.18 -30.97 -14.20
N LEU B 61 5.03 -31.62 -13.03
CA LEU B 61 5.79 -32.85 -12.68
C LEU B 61 5.14 -34.06 -13.36
N GLN B 62 3.81 -34.13 -13.35
CA GLN B 62 3.00 -35.20 -14.03
C GLN B 62 3.32 -35.22 -15.52
N GLN B 63 3.77 -34.09 -16.08
CA GLN B 63 4.43 -34.02 -17.43
C GLN B 63 5.86 -34.56 -17.33
N ALA B 64 5.99 -35.87 -17.03
CA ALA B 64 7.24 -36.64 -16.94
C ALA B 64 7.12 -37.91 -17.80
N ASP C 12 -6.71 -35.61 -52.47
CA ASP C 12 -5.76 -34.52 -52.08
C ASP C 12 -6.49 -33.47 -51.24
N PRO C 13 -7.69 -32.97 -51.69
CA PRO C 13 -8.36 -31.87 -50.98
C PRO C 13 -8.63 -32.09 -49.49
N SER C 14 -8.90 -33.33 -49.06
CA SER C 14 -9.12 -33.67 -47.63
C SER C 14 -7.84 -33.36 -46.85
N PHE C 15 -6.68 -33.63 -47.47
CA PHE C 15 -5.34 -33.56 -46.82
C PHE C 15 -4.94 -32.09 -46.71
N VAL C 16 -5.18 -31.28 -47.75
CA VAL C 16 -4.94 -29.81 -47.73
C VAL C 16 -5.79 -29.17 -46.62
N LEU C 17 -7.00 -29.69 -46.38
CA LEU C 17 -7.95 -29.17 -45.35
C LEU C 17 -7.49 -29.61 -43.96
N GLN C 18 -7.11 -30.88 -43.82
CA GLN C 18 -6.58 -31.47 -42.56
C GLN C 18 -5.40 -30.62 -42.04
N ILE C 19 -4.44 -30.28 -42.91
CA ILE C 19 -3.21 -29.54 -42.50
C ILE C 19 -3.56 -28.08 -42.21
N ALA C 20 -4.47 -27.50 -43.00
CA ALA C 20 -5.04 -26.14 -42.79
C ALA C 20 -5.71 -26.06 -41.41
N GLU C 21 -6.39 -27.11 -40.99
CA GLU C 21 -7.10 -27.21 -39.68
C GLU C 21 -6.04 -27.25 -38.55
N LYS C 22 -5.04 -28.12 -38.68
CA LYS C 22 -3.95 -28.32 -37.67
C LYS C 22 -3.15 -27.03 -37.53
N GLU C 23 -2.92 -26.31 -38.63
CA GLU C 23 -2.13 -25.04 -38.64
C GLU C 23 -2.98 -23.93 -37.96
N GLN C 24 -4.30 -24.00 -38.08
CA GLN C 24 -5.22 -22.98 -37.51
C GLN C 24 -5.40 -23.22 -36.01
N GLU C 25 -5.36 -24.48 -35.57
CA GLU C 25 -5.39 -24.89 -34.14
C GLU C 25 -4.12 -24.35 -33.45
N LEU C 26 -2.96 -24.47 -34.12
CA LEU C 26 -1.64 -24.01 -33.62
C LEU C 26 -1.61 -22.48 -33.51
N LEU C 27 -2.10 -21.79 -34.55
CA LEU C 27 -2.16 -20.31 -34.63
C LEU C 27 -2.96 -19.77 -33.44
N ALA C 28 -4.14 -20.35 -33.18
CA ALA C 28 -5.06 -19.99 -32.07
C ALA C 28 -4.33 -20.14 -30.72
N SER C 29 -3.56 -21.21 -30.54
CA SER C 29 -2.73 -21.48 -29.33
C SER C 29 -1.63 -20.41 -29.21
N GLN C 30 -0.90 -20.16 -30.30
CA GLN C 30 0.24 -19.20 -30.34
C GLN C 30 -0.27 -17.78 -30.01
N GLU C 31 -1.52 -17.47 -30.35
CA GLU C 31 -2.14 -16.15 -30.02
C GLU C 31 -2.61 -16.19 -28.56
N THR C 32 -3.16 -17.32 -28.07
CA THR C 32 -3.52 -17.50 -26.63
C THR C 32 -2.27 -17.24 -25.78
N VAL C 33 -1.11 -17.77 -26.18
CA VAL C 33 0.19 -17.53 -25.49
C VAL C 33 0.45 -16.01 -25.46
N GLN C 34 0.31 -15.35 -26.62
CA GLN C 34 0.64 -13.90 -26.80
C GLN C 34 -0.21 -13.03 -25.85
N VAL C 35 -1.48 -13.40 -25.64
CA VAL C 35 -2.45 -12.59 -24.84
C VAL C 35 -2.18 -12.82 -23.36
N LEU C 36 -1.88 -14.06 -22.97
CA LEU C 36 -1.52 -14.40 -21.56
C LEU C 36 -0.26 -13.62 -21.17
N GLN C 37 0.70 -13.48 -22.10
CA GLN C 37 1.96 -12.74 -21.87
C GLN C 37 1.67 -11.26 -21.58
N MET C 38 0.68 -10.69 -22.26
CA MET C 38 0.25 -9.28 -22.08
C MET C 38 -0.57 -9.12 -20.79
N LYS C 39 -1.39 -10.13 -20.45
CA LYS C 39 -2.20 -10.17 -19.20
C LYS C 39 -1.27 -10.17 -17.98
N VAL C 40 -0.24 -11.03 -17.99
CA VAL C 40 0.80 -11.09 -16.92
C VAL C 40 1.46 -9.71 -16.78
N LYS C 41 1.81 -9.07 -17.90
CA LYS C 41 2.46 -7.72 -17.90
C LYS C 41 1.54 -6.70 -17.24
N ARG C 42 0.23 -6.78 -17.51
CA ARG C 42 -0.76 -5.82 -16.94
C ARG C 42 -0.92 -6.09 -15.43
N LEU C 43 -1.02 -7.37 -15.06
CA LEU C 43 -1.12 -7.80 -13.64
C LEU C 43 0.12 -7.29 -12.88
N GLU C 44 1.31 -7.39 -13.48
CA GLU C 44 2.59 -6.92 -12.88
C GLU C 44 2.57 -5.41 -12.66
N HIS C 45 1.99 -4.63 -13.58
CA HIS C 45 1.84 -3.16 -13.45
C HIS C 45 0.92 -2.85 -12.27
N LEU C 46 -0.24 -3.52 -12.20
CA LEU C 46 -1.18 -3.42 -11.05
C LEU C 46 -0.41 -3.61 -9.74
N LEU C 47 0.34 -4.71 -9.62
CA LEU C 47 1.08 -5.08 -8.39
C LEU C 47 2.00 -3.92 -7.99
N GLN C 48 2.75 -3.37 -8.95
CA GLN C 48 3.65 -2.22 -8.72
C GLN C 48 2.84 -1.04 -8.20
N LEU C 49 1.68 -0.77 -8.80
CA LEU C 49 0.75 0.31 -8.36
C LEU C 49 0.32 0.04 -6.91
N LYS C 50 0.00 -1.21 -6.57
CA LYS C 50 -0.44 -1.59 -5.21
C LYS C 50 0.71 -1.40 -4.22
N ASN C 51 1.94 -1.75 -4.61
CA ASN C 51 3.15 -1.60 -3.75
C ASN C 51 3.38 -0.11 -3.43
N VAL C 52 3.14 0.78 -4.39
CA VAL C 52 3.30 2.26 -4.19
C VAL C 52 2.24 2.74 -3.21
N ARG C 53 0.97 2.34 -3.40
CA ARG C 53 -0.15 2.69 -2.48
C ARG C 53 0.21 2.23 -1.06
N ILE C 54 0.76 1.02 -0.90
CA ILE C 54 1.15 0.43 0.42
C ILE C 54 2.22 1.32 1.06
N ASP C 55 3.22 1.73 0.27
CA ASP C 55 4.37 2.55 0.75
C ASP C 55 3.89 3.96 1.11
N ASP C 56 2.99 4.52 0.28
CA ASP C 56 2.32 5.81 0.56
C ASP C 56 1.60 5.72 1.92
N LEU C 57 0.60 4.85 2.03
CA LEU C 57 -0.25 4.66 3.24
C LEU C 57 0.66 4.42 4.46
N SER C 58 1.69 3.58 4.31
CA SER C 58 2.62 3.18 5.39
C SER C 58 3.39 4.41 5.89
N ARG C 59 3.98 5.20 4.98
CA ARG C 59 4.70 6.46 5.30
C ARG C 59 3.78 7.40 6.08
N ARG C 60 2.55 7.59 5.59
CA ARG C 60 1.55 8.51 6.17
C ARG C 60 1.08 8.00 7.54
N LEU C 61 1.28 6.71 7.82
CA LEU C 61 0.95 6.10 9.14
C LEU C 61 2.07 6.41 10.15
N GLN C 62 3.33 6.33 9.71
CA GLN C 62 4.53 6.66 10.54
C GLN C 62 4.45 8.13 10.98
N GLN C 63 3.78 8.96 10.18
CA GLN C 63 3.66 10.42 10.31
C GLN C 63 2.53 10.70 11.30
N ALA C 64 1.40 9.98 11.19
CA ALA C 64 0.31 9.99 12.19
C ALA C 64 0.87 9.60 13.57
N GLU C 65 1.76 8.60 13.58
CA GLU C 65 2.24 7.90 14.80
C GLU C 65 3.74 8.18 14.99
N GLN D 18 4.17 -34.69 -41.51
CA GLN D 18 3.47 -33.38 -41.72
C GLN D 18 2.55 -33.10 -40.54
N ILE D 19 1.73 -34.07 -40.13
CA ILE D 19 0.79 -33.95 -38.97
C ILE D 19 1.61 -33.93 -37.66
N ALA D 20 2.61 -34.81 -37.58
CA ALA D 20 3.27 -35.20 -36.31
C ALA D 20 4.01 -33.98 -35.75
N GLU D 21 4.65 -33.21 -36.63
CA GLU D 21 5.46 -32.00 -36.29
C GLU D 21 4.49 -30.91 -35.82
N LYS D 22 3.41 -30.67 -36.58
CA LYS D 22 2.41 -29.60 -36.31
C LYS D 22 1.69 -29.90 -34.98
N GLU D 23 1.42 -31.18 -34.71
CA GLU D 23 0.70 -31.62 -33.48
C GLU D 23 1.64 -31.45 -32.27
N GLN D 24 2.95 -31.61 -32.47
CA GLN D 24 3.96 -31.51 -31.38
C GLN D 24 4.23 -30.03 -31.06
N GLU D 25 4.18 -29.16 -32.07
CA GLU D 25 4.28 -27.69 -31.92
C GLU D 25 3.09 -27.19 -31.10
N LEU D 26 1.89 -27.70 -31.38
CA LEU D 26 0.62 -27.31 -30.71
C LEU D 26 0.65 -27.78 -29.24
N LEU D 27 1.09 -29.01 -28.99
CA LEU D 27 1.18 -29.59 -27.62
C LEU D 27 2.07 -28.70 -26.74
N ALA D 28 3.25 -28.34 -27.25
CA ALA D 28 4.24 -27.45 -26.58
C ALA D 28 3.60 -26.11 -26.23
N SER D 29 2.81 -25.54 -27.16
CA SER D 29 2.06 -24.27 -26.99
C SER D 29 0.99 -24.46 -25.92
N GLN D 30 0.18 -25.52 -26.00
CA GLN D 30 -0.94 -25.82 -25.07
C GLN D 30 -0.40 -25.97 -23.64
N GLU D 31 0.83 -26.46 -23.47
CA GLU D 31 1.46 -26.56 -22.12
C GLU D 31 2.00 -25.17 -21.71
N THR D 32 2.58 -24.41 -22.64
CA THR D 32 3.01 -23.00 -22.40
C THR D 32 1.79 -22.20 -21.92
N VAL D 33 0.64 -22.37 -22.57
CA VAL D 33 -0.65 -21.72 -22.19
C VAL D 33 -0.97 -22.12 -20.76
N GLN D 34 -0.89 -23.41 -20.41
CA GLN D 34 -1.27 -23.97 -19.08
C GLN D 34 -0.46 -23.30 -17.97
N VAL D 35 0.84 -23.02 -18.21
CA VAL D 35 1.76 -22.46 -17.17
C VAL D 35 1.49 -20.96 -17.02
N LEU D 36 1.26 -20.26 -18.14
CA LEU D 36 0.91 -18.81 -18.15
C LEU D 36 -0.40 -18.63 -17.38
N GLN D 37 -1.36 -19.55 -17.55
CA GLN D 37 -2.68 -19.51 -16.87
C GLN D 37 -2.50 -19.63 -15.36
N MET D 38 -1.53 -20.42 -14.90
CA MET D 38 -1.21 -20.61 -13.46
C MET D 38 -0.45 -19.39 -12.93
N LYS D 39 0.42 -18.78 -13.74
CA LYS D 39 1.15 -17.52 -13.38
C LYS D 39 0.14 -16.38 -13.16
N VAL D 40 -0.80 -16.20 -14.10
CA VAL D 40 -1.91 -15.20 -14.00
C VAL D 40 -2.69 -15.45 -12.71
N LYS D 41 -3.03 -16.71 -12.40
CA LYS D 41 -3.80 -17.08 -11.19
C LYS D 41 -3.02 -16.68 -9.94
N ARG D 42 -1.70 -16.88 -9.93
CA ARG D 42 -0.83 -16.54 -8.77
C ARG D 42 -0.77 -15.01 -8.64
N LEU D 43 -0.57 -14.30 -9.76
CA LEU D 43 -0.54 -12.81 -9.77
C LEU D 43 -1.87 -12.28 -9.21
N GLU D 44 -3.00 -12.88 -9.59
CA GLU D 44 -4.36 -12.47 -9.12
C GLU D 44 -4.49 -12.68 -7.60
N HIS D 45 -3.92 -13.75 -7.06
CA HIS D 45 -3.92 -14.04 -5.59
C HIS D 45 -3.09 -12.97 -4.88
N LEU D 46 -1.89 -12.67 -5.39
CA LEU D 46 -1.02 -11.57 -4.89
C LEU D 46 -1.83 -10.28 -4.79
N LEU D 47 -2.51 -9.89 -5.86
CA LEU D 47 -3.29 -8.63 -5.92
C LEU D 47 -4.31 -8.60 -4.79
N GLN D 48 -5.04 -9.71 -4.60
CA GLN D 48 -6.02 -9.86 -3.50
C GLN D 48 -5.31 -9.66 -2.15
N LEU D 49 -4.15 -10.27 -1.97
CA LEU D 49 -3.30 -10.12 -0.75
C LEU D 49 -2.92 -8.64 -0.57
N LYS D 50 -2.55 -7.95 -1.66
CA LYS D 50 -2.16 -6.52 -1.62
C LYS D 50 -3.38 -5.66 -1.27
N ASN D 51 -4.56 -6.00 -1.76
CA ASN D 51 -5.81 -5.26 -1.45
C ASN D 51 -6.12 -5.36 0.05
N VAL D 52 -5.85 -6.51 0.66
CA VAL D 52 -6.06 -6.73 2.14
C VAL D 52 -5.06 -5.86 2.92
N ARG D 53 -3.79 -5.87 2.53
CA ARG D 53 -2.72 -5.02 3.14
C ARG D 53 -3.15 -3.55 3.06
N ILE D 54 -3.69 -3.12 1.92
CA ILE D 54 -4.15 -1.71 1.68
C ILE D 54 -5.29 -1.39 2.67
N ASP D 55 -6.25 -2.30 2.81
CA ASP D 55 -7.44 -2.13 3.69
C ASP D 55 -7.00 -2.14 5.16
N ASP D 56 -6.06 -3.02 5.51
CA ASP D 56 -5.41 -3.05 6.86
C ASP D 56 -4.81 -1.66 7.14
N LEU D 57 -3.81 -1.25 6.35
CA LEU D 57 -3.06 0.02 6.51
C LEU D 57 -4.05 1.19 6.56
N SER D 58 -5.06 1.19 5.69
CA SER D 58 -6.08 2.26 5.56
C SER D 58 -6.90 2.36 6.87
N ARG D 59 -7.40 1.24 7.39
CA ARG D 59 -8.15 1.17 8.68
C ARG D 59 -7.27 1.74 9.80
N ARG D 60 -6.01 1.31 9.87
CA ARG D 60 -5.04 1.72 10.92
C ARG D 60 -4.69 3.20 10.79
N LEU D 61 -4.93 3.79 9.61
CA LEU D 61 -4.72 5.25 9.36
C LEU D 61 -5.90 6.05 9.91
N GLN D 62 -7.13 5.54 9.70
CA GLN D 62 -8.40 6.13 10.22
C GLN D 62 -8.32 6.23 11.75
N GLN D 63 -7.54 5.36 12.40
CA GLN D 63 -7.13 5.51 13.83
C GLN D 63 -6.03 6.59 13.94
N ALA D 64 -6.38 7.84 13.60
CA ALA D 64 -5.52 9.05 13.70
C ALA D 64 -6.29 10.14 14.46
N GLY E 11 -14.77 62.97 11.86
CA GLY E 11 -13.43 62.43 11.49
C GLY E 11 -12.78 63.24 10.40
N ASP E 12 -11.81 64.10 10.76
CA ASP E 12 -11.02 64.94 9.81
C ASP E 12 -10.51 64.03 8.68
N PRO E 13 -10.60 64.49 7.41
CA PRO E 13 -10.46 63.58 6.27
C PRO E 13 -9.11 62.83 6.20
N SER E 14 -8.01 63.46 6.64
CA SER E 14 -6.66 62.86 6.72
C SER E 14 -6.71 61.62 7.60
N PHE E 15 -7.50 61.66 8.68
CA PHE E 15 -7.53 60.63 9.75
C PHE E 15 -8.32 59.43 9.25
N VAL E 16 -9.44 59.66 8.57
CA VAL E 16 -10.26 58.58 7.92
C VAL E 16 -9.40 57.87 6.87
N LEU E 17 -8.50 58.60 6.19
CA LEU E 17 -7.61 58.05 5.12
C LEU E 17 -6.46 57.28 5.77
N GLN E 18 -5.85 57.83 6.81
CA GLN E 18 -4.77 57.19 7.61
C GLN E 18 -5.21 55.80 8.08
N ILE E 19 -6.42 55.65 8.63
CA ILE E 19 -6.94 54.37 9.19
C ILE E 19 -7.25 53.41 8.03
N ALA E 20 -7.81 53.93 6.94
CA ALA E 20 -8.08 53.19 5.68
C ALA E 20 -6.77 52.60 5.13
N GLU E 21 -5.68 53.37 5.21
CA GLU E 21 -4.32 52.97 4.73
C GLU E 21 -3.78 51.85 5.63
N LYS E 22 -3.86 52.01 6.95
CA LYS E 22 -3.36 51.03 7.97
C LYS E 22 -4.14 49.72 7.86
N GLU E 23 -5.45 49.81 7.58
CA GLU E 23 -6.33 48.62 7.44
C GLU E 23 -5.99 47.89 6.13
N GLN E 24 -5.56 48.61 5.10
CA GLN E 24 -5.22 48.05 3.76
C GLN E 24 -3.84 47.39 3.82
N GLU E 25 -2.91 47.95 4.62
CA GLU E 25 -1.56 47.37 4.88
C GLU E 25 -1.73 46.02 5.59
N LEU E 26 -2.64 45.96 6.58
CA LEU E 26 -2.93 44.75 7.40
C LEU E 26 -3.56 43.66 6.50
N LEU E 27 -4.54 44.06 5.68
CA LEU E 27 -5.27 43.14 4.76
C LEU E 27 -4.25 42.46 3.83
N ALA E 28 -3.36 43.23 3.21
CA ALA E 28 -2.30 42.77 2.29
C ALA E 28 -1.41 41.73 2.99
N SER E 29 -1.05 41.98 4.25
CA SER E 29 -0.23 41.08 5.10
C SER E 29 -1.01 39.78 5.37
N GLN E 30 -2.27 39.92 5.80
CA GLN E 30 -3.16 38.78 6.18
C GLN E 30 -3.39 37.86 4.97
N GLU E 31 -3.38 38.43 3.76
CA GLU E 31 -3.53 37.66 2.50
C GLU E 31 -2.18 37.04 2.15
N THR E 32 -1.06 37.74 2.35
CA THR E 32 0.31 37.18 2.17
C THR E 32 0.44 35.93 3.05
N VAL E 33 -0.02 36.01 4.31
CA VAL E 33 -0.04 34.85 5.24
C VAL E 33 -0.83 33.69 4.60
N GLN E 34 -2.04 34.00 4.11
CA GLN E 34 -3.01 33.00 3.57
C GLN E 34 -2.38 32.25 2.39
N VAL E 35 -1.61 32.94 1.54
CA VAL E 35 -1.02 32.36 0.29
C VAL E 35 0.18 31.50 0.65
N LEU E 36 1.01 31.96 1.60
CA LEU E 36 2.18 31.19 2.09
C LEU E 36 1.67 29.88 2.72
N GLN E 37 0.54 29.92 3.43
CA GLN E 37 -0.07 28.72 4.08
C GLN E 37 -0.46 27.68 3.01
N MET E 38 -0.94 28.15 1.86
CA MET E 38 -1.36 27.29 0.72
C MET E 38 -0.13 26.79 -0.04
N LYS E 39 0.91 27.61 -0.16
CA LYS E 39 2.21 27.24 -0.80
C LYS E 39 2.86 26.11 0.01
N VAL E 40 2.94 26.23 1.34
CA VAL E 40 3.47 25.18 2.25
C VAL E 40 2.67 23.88 2.02
N LYS E 41 1.34 23.96 1.94
CA LYS E 41 0.46 22.78 1.72
C LYS E 41 0.80 22.10 0.38
N ARG E 42 1.06 22.90 -0.65
CA ARG E 42 1.41 22.37 -2.00
C ARG E 42 2.81 21.74 -1.96
N LEU E 43 3.77 22.41 -1.32
CA LEU E 43 5.15 21.89 -1.13
C LEU E 43 5.08 20.54 -0.40
N GLU E 44 4.23 20.42 0.63
CA GLU E 44 4.05 19.16 1.40
C GLU E 44 3.50 18.04 0.49
N HIS E 45 2.60 18.34 -0.43
CA HIS E 45 2.05 17.37 -1.42
C HIS E 45 3.17 16.91 -2.36
N LEU E 46 3.96 17.84 -2.89
CA LEU E 46 5.16 17.57 -3.71
C LEU E 46 6.04 16.55 -2.97
N LEU E 47 6.38 16.83 -1.71
CA LEU E 47 7.27 15.98 -0.89
C LEU E 47 6.71 14.55 -0.83
N GLN E 48 5.41 14.42 -0.57
CA GLN E 48 4.69 13.11 -0.54
C GLN E 48 4.89 12.42 -1.89
N LEU E 49 4.71 13.15 -3.00
CA LEU E 49 4.90 12.62 -4.37
C LEU E 49 6.35 12.14 -4.52
N LYS E 50 7.32 12.91 -4.02
CA LYS E 50 8.77 12.56 -4.13
C LYS E 50 9.07 11.33 -3.28
N ASN E 51 8.44 11.20 -2.12
CA ASN E 51 8.63 10.03 -1.22
C ASN E 51 8.12 8.76 -1.91
N VAL E 52 7.04 8.84 -2.68
CA VAL E 52 6.48 7.67 -3.41
C VAL E 52 7.42 7.28 -4.55
N ARG E 53 7.93 8.25 -5.30
CA ARG E 53 8.94 8.03 -6.37
C ARG E 53 10.17 7.33 -5.77
N ILE E 54 10.63 7.76 -4.59
CA ILE E 54 11.80 7.18 -3.88
C ILE E 54 11.50 5.72 -3.51
N ASP E 55 10.31 5.44 -3.00
CA ASP E 55 9.87 4.08 -2.58
C ASP E 55 9.72 3.18 -3.81
N ASP E 56 9.16 3.72 -4.90
CA ASP E 56 9.10 3.03 -6.22
C ASP E 56 10.52 2.62 -6.64
N LEU E 57 11.39 3.61 -6.88
CA LEU E 57 12.78 3.41 -7.37
C LEU E 57 13.51 2.42 -6.43
N SER E 58 13.34 2.58 -5.11
CA SER E 58 14.00 1.76 -4.07
C SER E 58 13.55 0.29 -4.18
N ARG E 59 12.24 0.03 -4.27
CA ARG E 59 11.66 -1.32 -4.47
C ARG E 59 12.26 -1.95 -5.73
N ARG E 60 12.28 -1.21 -6.84
CA ARG E 60 12.77 -1.69 -8.15
C ARG E 60 14.29 -1.93 -8.10
N LEU E 61 14.99 -1.35 -7.13
CA LEU E 61 16.45 -1.57 -6.90
C LEU E 61 16.66 -2.89 -6.16
N GLN E 62 15.82 -3.18 -5.16
CA GLN E 62 15.84 -4.44 -4.38
C GLN E 62 15.64 -5.63 -5.32
N GLN E 63 14.98 -5.42 -6.47
CA GLN E 63 14.97 -6.37 -7.61
C GLN E 63 16.32 -6.29 -8.36
N ALA E 64 17.40 -6.65 -7.66
CA ALA E 64 18.80 -6.75 -8.17
C ALA E 64 19.30 -8.18 -7.99
N GLN F 18 -5.49 53.77 18.45
CA GLN F 18 -6.19 53.18 17.25
C GLN F 18 -5.16 52.75 16.20
N ILE F 19 -4.21 53.64 15.87
CA ILE F 19 -3.09 53.36 14.92
C ILE F 19 -2.10 52.39 15.59
N ALA F 20 -1.84 52.56 16.88
CA ALA F 20 -1.02 51.65 17.71
C ALA F 20 -1.59 50.22 17.66
N GLU F 21 -2.92 50.08 17.70
CA GLU F 21 -3.63 48.77 17.67
C GLU F 21 -3.44 48.13 16.29
N LYS F 22 -3.68 48.92 15.22
CA LYS F 22 -3.58 48.47 13.80
C LYS F 22 -2.14 48.07 13.48
N GLU F 23 -1.16 48.80 14.01
CA GLU F 23 0.28 48.55 13.79
C GLU F 23 0.71 47.29 14.53
N GLN F 24 0.07 46.97 15.66
CA GLN F 24 0.40 45.77 16.48
C GLN F 24 -0.21 44.52 15.83
N GLU F 25 -1.39 44.66 15.21
CA GLU F 25 -2.05 43.59 14.42
C GLU F 25 -1.17 43.23 13.22
N LEU F 26 -0.62 44.25 12.55
CA LEU F 26 0.25 44.13 11.34
C LEU F 26 1.57 43.46 11.72
N LEU F 27 2.18 43.86 12.83
CA LEU F 27 3.48 43.31 13.33
C LEU F 27 3.32 41.79 13.52
N ALA F 28 2.26 41.36 14.21
CA ALA F 28 1.93 39.95 14.47
C ALA F 28 1.81 39.17 13.15
N SER F 29 1.15 39.77 12.16
CA SER F 29 0.98 39.21 10.79
C SER F 29 2.34 39.11 10.10
N GLN F 30 3.13 40.19 10.12
CA GLN F 30 4.44 40.30 9.44
C GLN F 30 5.42 39.28 10.03
N GLU F 31 5.27 38.90 11.30
CA GLU F 31 6.10 37.84 11.92
C GLU F 31 5.55 36.46 11.50
N THR F 32 4.23 36.30 11.44
CA THR F 32 3.59 35.06 10.92
C THR F 32 4.10 34.81 9.49
N VAL F 33 4.13 35.86 8.67
CA VAL F 33 4.66 35.83 7.27
C VAL F 33 6.10 35.33 7.32
N GLN F 34 6.93 35.90 8.20
CA GLN F 34 8.40 35.62 8.29
C GLN F 34 8.63 34.13 8.56
N VAL F 35 7.79 33.49 9.39
CA VAL F 35 7.99 32.06 9.79
C VAL F 35 7.54 31.15 8.64
N LEU F 36 6.42 31.49 8.00
CA LEU F 36 5.88 30.76 6.83
C LEU F 36 6.94 30.79 5.71
N GLN F 37 7.62 31.94 5.53
CA GLN F 37 8.65 32.15 4.49
C GLN F 37 9.84 31.21 4.75
N MET F 38 10.18 30.96 6.02
CA MET F 38 11.29 30.06 6.43
C MET F 38 10.84 28.60 6.28
N LYS F 39 9.57 28.29 6.57
CA LYS F 39 9.00 26.93 6.37
C LYS F 39 9.06 26.56 4.87
N VAL F 40 8.59 27.46 3.99
CA VAL F 40 8.67 27.28 2.50
C VAL F 40 10.13 27.02 2.10
N LYS F 41 11.08 27.80 2.64
CA LYS F 41 12.53 27.66 2.32
C LYS F 41 13.02 26.27 2.73
N ARG F 42 12.57 25.76 3.89
CA ARG F 42 12.99 24.44 4.40
C ARG F 42 12.37 23.36 3.51
N LEU F 43 11.08 23.49 3.16
CA LEU F 43 10.39 22.54 2.26
C LEU F 43 11.13 22.47 0.92
N GLU F 44 11.56 23.63 0.38
CA GLU F 44 12.31 23.71 -0.90
C GLU F 44 13.64 22.96 -0.81
N HIS F 45 14.33 23.05 0.33
CA HIS F 45 15.62 22.32 0.58
C HIS F 45 15.35 20.82 0.61
N LEU F 46 14.32 20.39 1.34
CA LEU F 46 13.85 18.98 1.38
C LEU F 46 13.67 18.46 -0.05
N LEU F 47 12.94 19.19 -0.88
CA LEU F 47 12.62 18.77 -2.28
C LEU F 47 13.93 18.53 -3.03
N GLN F 48 14.88 19.45 -2.91
CA GLN F 48 16.23 19.33 -3.54
C GLN F 48 16.89 18.04 -3.03
N LEU F 49 16.84 17.78 -1.72
CA LEU F 49 17.40 16.55 -1.09
C LEU F 49 16.70 15.33 -1.71
N LYS F 50 15.38 15.38 -1.89
CA LYS F 50 14.60 14.25 -2.46
C LYS F 50 14.98 14.03 -3.92
N ASN F 51 15.21 15.10 -4.67
CA ASN F 51 15.61 15.02 -6.10
C ASN F 51 16.96 14.29 -6.22
N VAL F 52 17.89 14.55 -5.28
CA VAL F 52 19.24 13.90 -5.27
C VAL F 52 19.07 12.40 -4.98
N ARG F 53 18.27 12.05 -3.96
CA ARG F 53 17.97 10.64 -3.59
C ARG F 53 17.39 9.92 -4.81
N ILE F 54 16.47 10.57 -5.54
CA ILE F 54 15.78 9.98 -6.74
C ILE F 54 16.83 9.72 -7.82
N ASP F 55 17.73 10.67 -8.06
CA ASP F 55 18.79 10.58 -9.10
C ASP F 55 19.81 9.51 -8.71
N ASP F 56 20.17 9.44 -7.43
CA ASP F 56 21.03 8.36 -6.87
C ASP F 56 20.39 7.00 -7.19
N LEU F 57 19.20 6.74 -6.61
CA LEU F 57 18.46 5.46 -6.74
C LEU F 57 18.30 5.10 -8.23
N SER F 58 17.95 6.10 -9.07
CA SER F 58 17.69 5.93 -10.52
C SER F 58 18.98 5.45 -11.23
N ARG F 59 20.11 6.13 -10.99
CA ARG F 59 21.45 5.76 -11.54
C ARG F 59 21.77 4.32 -11.12
N ARG F 60 21.51 3.97 -9.86
CA ARG F 60 21.69 2.60 -9.32
C ARG F 60 20.60 1.70 -9.93
#